data_4ZBJ
#
_entry.id   4ZBJ
#
_cell.length_a   90.024
_cell.length_b   90.024
_cell.length_c   120.734
_cell.angle_alpha   90.00
_cell.angle_beta   90.00
_cell.angle_gamma   120.00
#
_symmetry.space_group_name_H-M   'P 32 2 1'
#
loop_
_entity.id
_entity.type
_entity.pdbx_description
1 polymer 'Histone chaperone ASF1'
2 polymer 'Histone H3'
3 polymer 'Histone H4'
4 polymer Ubinuclein-1
5 non-polymer 'CHLORIDE ION'
6 non-polymer (4S)-2-METHYL-2,4-PENTANEDIOL
7 water water
#
loop_
_entity_poly.entity_id
_entity_poly.type
_entity_poly.pdbx_seq_one_letter_code
_entity_poly.pdbx_strand_id
1 'polypeptide(L)'
;PLGSPNSSIVSLLGIKVLNNPAKFTDPYEFEITFECLESLKHDLEWKLTYVGSSRSLDHDQELDSILVGPVPVGVNKFVF
SADPPSAELIPASELVSVTVILLSCSYDGREFVRVGYYVNNEYDEEELRENPPAKVQVDHIVRNILAEKPRVTRFNIVWD
NENEGDLYPPEQPGV
;
A
2 'polypeptide(L)' MALIRKLPFQRLVREIAQDFKTDLRFQSAAIGALQEASEAYLVALFEDTNLCAIHAKRVTIMPKDIQLARRIRGERA B
3 'polypeptide(L)'
;MKVLRDNIQGITKPAIRRLARRGGVKRISGLIYEETRGVLKVFLENVIRDAVTYTEHAKRKTVTAMDVVYALKRQGRTLY
GFGG
;
C
4 'polypeptide(L)' (ACE)IQDLIDMGYGYDESDSFIDNSEAYDEL D
#
# COMPACT_ATOMS: atom_id res chain seq x y z
N PRO A 1 -13.84 -24.11 -10.35
CA PRO A 1 -15.31 -24.27 -10.36
C PRO A 1 -16.03 -22.96 -10.03
N LEU A 2 -15.89 -22.50 -8.79
CA LEU A 2 -16.50 -21.25 -8.36
C LEU A 2 -15.58 -20.07 -8.64
N GLY A 3 -16.17 -18.96 -9.09
CA GLY A 3 -15.42 -17.74 -9.31
C GLY A 3 -14.89 -17.20 -8.00
N SER A 4 -13.57 -17.00 -7.94
CA SER A 4 -12.93 -16.60 -6.70
C SER A 4 -11.86 -15.53 -6.94
N PRO A 5 -11.75 -14.58 -5.99
CA PRO A 5 -10.69 -13.57 -6.07
C PRO A 5 -9.31 -14.16 -5.83
N ASN A 6 -9.25 -15.15 -4.93
CA ASN A 6 -7.99 -15.80 -4.58
C ASN A 6 -7.92 -17.21 -5.14
N SER A 7 -6.85 -17.50 -5.88
CA SER A 7 -6.63 -18.82 -6.44
C SER A 7 -5.28 -19.38 -5.98
N SER A 8 -4.68 -18.74 -4.98
CA SER A 8 -3.34 -19.10 -4.53
C SER A 8 -3.29 -20.48 -3.88
N ILE A 9 -2.28 -21.26 -4.26
CA ILE A 9 -2.05 -22.58 -3.69
C ILE A 9 -1.52 -22.44 -2.26
N VAL A 10 -0.83 -21.34 -2.01
CA VAL A 10 -0.22 -21.08 -0.71
C VAL A 10 -0.88 -19.90 -0.01
N SER A 11 -1.19 -20.06 1.27
CA SER A 11 -1.71 -18.94 2.05
C SER A 11 -1.14 -18.96 3.46
N LEU A 12 -0.94 -17.77 4.02
CA LEU A 12 -0.37 -17.64 5.35
C LEU A 12 -1.41 -17.90 6.44
N LEU A 13 -0.99 -18.56 7.52
CA LEU A 13 -1.88 -18.82 8.65
C LEU A 13 -1.47 -17.98 9.87
N GLY A 14 -0.20 -17.63 9.94
CA GLY A 14 0.30 -16.83 11.05
C GLY A 14 1.80 -16.60 10.97
N ILE A 15 2.26 -15.50 11.55
CA ILE A 15 3.67 -15.21 11.64
C ILE A 15 4.01 -14.70 13.03
N LYS A 16 4.96 -15.35 13.68
CA LYS A 16 5.43 -14.90 14.98
C LYS A 16 6.82 -14.32 14.88
N VAL A 17 6.99 -13.12 15.42
CA VAL A 17 8.31 -12.52 15.58
C VAL A 17 8.88 -12.96 16.92
N LEU A 18 9.86 -13.85 16.89
CA LEU A 18 10.33 -14.51 18.10
C LEU A 18 11.12 -13.58 19.02
N ASN A 19 11.85 -12.64 18.44
CA ASN A 19 12.65 -11.71 19.25
C ASN A 19 12.17 -10.28 19.07
N ASN A 20 11.23 -9.86 19.91
CA ASN A 20 10.64 -8.55 19.83
C ASN A 20 10.24 -8.02 21.20
N PRO A 21 10.76 -6.84 21.59
CA PRO A 21 11.70 -6.02 20.82
C PRO A 21 13.11 -6.61 20.78
N ALA A 22 13.99 -5.98 20.03
CA ALA A 22 15.35 -6.48 19.85
C ALA A 22 16.30 -5.33 19.53
N LYS A 23 17.60 -5.62 19.58
CA LYS A 23 18.59 -4.63 19.18
C LYS A 23 18.50 -4.42 17.68
N PHE A 24 18.89 -3.24 17.22
CA PHE A 24 18.89 -2.92 15.80
C PHE A 24 19.71 -3.92 15.00
N THR A 25 20.78 -4.42 15.60
CA THR A 25 21.72 -5.30 14.92
C THR A 25 21.38 -6.78 15.10
N ASP A 26 20.31 -7.07 15.84
CA ASP A 26 19.84 -8.45 15.99
C ASP A 26 19.18 -8.94 14.71
N PRO A 27 19.46 -10.20 14.34
CA PRO A 27 18.75 -10.83 13.22
C PRO A 27 17.24 -10.87 13.47
N TYR A 28 16.46 -10.93 12.40
CA TYR A 28 15.00 -11.03 12.50
C TYR A 28 14.58 -12.50 12.56
N GLU A 29 13.94 -12.89 13.65
CA GLU A 29 13.48 -14.28 13.80
C GLU A 29 11.99 -14.40 13.49
N PHE A 30 11.66 -14.72 12.24
CA PHE A 30 10.27 -14.91 11.83
C PHE A 30 9.88 -16.38 11.83
N GLU A 31 8.90 -16.73 12.67
CA GLU A 31 8.32 -18.06 12.62
C GLU A 31 7.09 -18.03 11.72
N ILE A 32 7.21 -18.58 10.53
CA ILE A 32 6.16 -18.48 9.52
C ILE A 32 5.39 -19.79 9.35
N THR A 33 4.08 -19.72 9.60
CA THR A 33 3.21 -20.87 9.42
C THR A 33 2.27 -20.62 8.24
N PHE A 34 2.29 -21.54 7.27
CA PHE A 34 1.48 -21.38 6.08
C PHE A 34 0.85 -22.70 5.65
N GLU A 35 -0.04 -22.63 4.66
CA GLU A 35 -0.73 -23.82 4.17
C GLU A 35 -0.53 -23.98 2.67
N CYS A 36 -0.23 -25.21 2.26
CA CYS A 36 -0.06 -25.53 0.83
C CYS A 36 -1.10 -26.55 0.38
N LEU A 37 -1.90 -26.18 -0.60
CA LEU A 37 -3.03 -26.98 -1.03
C LEU A 37 -2.66 -28.13 -1.98
N GLU A 38 -1.77 -27.84 -2.93
CA GLU A 38 -1.35 -28.84 -3.90
C GLU A 38 0.15 -28.96 -3.94
N SER A 39 0.65 -30.00 -4.61
CA SER A 39 2.08 -30.11 -4.83
C SER A 39 2.53 -29.06 -5.84
N LEU A 40 3.69 -28.47 -5.59
CA LEU A 40 4.25 -27.46 -6.49
C LEU A 40 5.59 -27.93 -7.04
N LYS A 41 5.87 -27.58 -8.28
CA LYS A 41 7.11 -27.98 -8.93
C LYS A 41 8.32 -27.23 -8.35
N HIS A 42 8.15 -25.94 -8.08
CA HIS A 42 9.26 -25.10 -7.65
C HIS A 42 9.19 -24.79 -6.16
N ASP A 43 10.22 -24.11 -5.66
CA ASP A 43 10.28 -23.72 -4.26
C ASP A 43 9.57 -22.40 -4.03
N LEU A 44 9.34 -22.06 -2.76
CA LEU A 44 8.85 -20.74 -2.39
C LEU A 44 10.03 -19.82 -2.09
N GLU A 45 9.97 -18.58 -2.56
CA GLU A 45 11.03 -17.62 -2.30
C GLU A 45 10.58 -16.47 -1.40
N TRP A 46 11.09 -16.46 -0.17
CA TRP A 46 10.78 -15.43 0.80
C TRP A 46 11.85 -14.33 0.81
N LYS A 47 11.44 -13.08 0.80
CA LYS A 47 12.37 -11.96 0.86
C LYS A 47 12.01 -10.99 1.97
N LEU A 48 13.03 -10.43 2.64
CA LEU A 48 12.80 -9.40 3.63
C LEU A 48 13.46 -8.10 3.19
N THR A 49 12.66 -7.05 3.06
CA THR A 49 13.16 -5.76 2.61
C THR A 49 12.99 -4.71 3.71
N TYR A 50 14.04 -3.92 3.91
CA TYR A 50 14.01 -2.84 4.89
C TYR A 50 13.93 -1.50 4.17
N VAL A 51 12.96 -0.68 4.55
CA VAL A 51 12.81 0.65 3.97
C VAL A 51 13.71 1.65 4.71
N GLY A 52 14.80 2.05 4.07
CA GLY A 52 15.77 2.93 4.68
C GLY A 52 15.34 4.38 4.75
N SER A 53 14.55 4.79 3.76
CA SER A 53 14.06 6.17 3.69
C SER A 53 12.61 6.21 3.20
N SER A 54 11.80 7.05 3.83
CA SER A 54 10.40 7.19 3.44
C SER A 54 10.27 8.06 2.20
N ARG A 55 11.33 8.82 1.90
CA ARG A 55 11.29 9.78 0.79
C ARG A 55 11.48 9.14 -0.58
N SER A 56 12.08 7.95 -0.63
CA SER A 56 12.29 7.25 -1.89
C SER A 56 12.60 5.77 -1.71
N LEU A 57 12.63 5.03 -2.81
CA LEU A 57 12.98 3.62 -2.78
C LEU A 57 14.48 3.42 -2.94
N ASP A 58 15.20 4.53 -3.04
CA ASP A 58 16.64 4.49 -3.30
C ASP A 58 17.44 3.93 -2.13
N HIS A 59 16.83 3.87 -0.96
CA HIS A 59 17.54 3.40 0.23
C HIS A 59 16.94 2.12 0.80
N ASP A 60 16.19 1.39 -0.03
CA ASP A 60 15.71 0.07 0.35
C ASP A 60 16.88 -0.89 0.49
N GLN A 61 16.82 -1.75 1.51
CA GLN A 61 17.80 -2.81 1.66
C GLN A 61 17.12 -4.17 1.64
N GLU A 62 17.54 -5.04 0.71
CA GLU A 62 17.12 -6.42 0.78
C GLU A 62 17.94 -7.11 1.85
N LEU A 63 17.34 -7.31 3.01
CA LEU A 63 18.04 -7.86 4.17
C LEU A 63 18.47 -9.29 3.96
N ASP A 64 17.57 -10.11 3.45
CA ASP A 64 17.83 -11.53 3.33
C ASP A 64 16.78 -12.16 2.42
N SER A 65 17.04 -13.40 2.00
CA SER A 65 16.07 -14.13 1.20
C SER A 65 16.37 -15.63 1.33
N ILE A 66 15.31 -16.44 1.40
CA ILE A 66 15.48 -17.87 1.57
C ILE A 66 14.57 -18.64 0.62
N LEU A 67 15.10 -19.72 0.06
CA LEU A 67 14.31 -20.63 -0.77
C LEU A 67 13.85 -21.81 0.06
N VAL A 68 12.55 -22.04 0.08
CA VAL A 68 11.96 -23.12 0.86
C VAL A 68 11.31 -24.15 -0.07
N GLY A 69 11.74 -25.40 0.02
CA GLY A 69 11.21 -26.45 -0.82
C GLY A 69 11.99 -27.75 -0.73
N PRO A 70 11.42 -28.84 -1.29
CA PRO A 70 10.10 -28.89 -1.91
C PRO A 70 8.97 -28.81 -0.89
N VAL A 71 7.88 -28.13 -1.25
CA VAL A 71 6.81 -27.85 -0.31
C VAL A 71 5.78 -28.97 -0.26
N PRO A 72 5.63 -29.60 0.91
CA PRO A 72 4.61 -30.64 1.11
C PRO A 72 3.22 -30.06 1.29
N VAL A 73 2.20 -30.84 0.92
CA VAL A 73 0.82 -30.42 1.07
C VAL A 73 0.44 -30.37 2.54
N GLY A 74 -0.34 -29.36 2.91
CA GLY A 74 -0.80 -29.23 4.29
C GLY A 74 -0.25 -28.00 4.98
N VAL A 75 -0.20 -28.05 6.30
CA VAL A 75 0.29 -26.94 7.10
C VAL A 75 1.79 -27.10 7.35
N ASN A 76 2.54 -26.04 7.04
CA ASN A 76 4.00 -26.06 7.23
C ASN A 76 4.48 -24.94 8.14
N LYS A 77 5.60 -25.18 8.80
CA LYS A 77 6.20 -24.18 9.68
C LYS A 77 7.72 -24.18 9.55
N PHE A 78 8.30 -22.99 9.46
CA PHE A 78 9.74 -22.84 9.47
C PHE A 78 10.12 -21.50 10.09
N VAL A 79 11.39 -21.37 10.48
CA VAL A 79 11.87 -20.11 11.04
C VAL A 79 12.85 -19.45 10.07
N PHE A 80 12.49 -18.24 9.64
CA PHE A 80 13.33 -17.44 8.77
C PHE A 80 14.17 -16.48 9.63
N SER A 81 15.45 -16.81 9.81
CA SER A 81 16.36 -15.93 10.55
C SER A 81 17.06 -14.98 9.59
N ALA A 82 16.50 -13.79 9.43
CA ALA A 82 16.98 -12.85 8.42
C ALA A 82 17.97 -11.84 8.98
N ASP A 83 19.03 -11.59 8.22
CA ASP A 83 20.08 -10.65 8.60
C ASP A 83 19.56 -9.24 8.81
N PRO A 84 20.15 -8.51 9.76
CA PRO A 84 19.77 -7.13 10.06
C PRO A 84 20.18 -6.17 8.96
N PRO A 85 19.67 -4.92 8.99
CA PRO A 85 20.08 -3.93 8.00
C PRO A 85 21.45 -3.33 8.33
N SER A 86 22.03 -2.63 7.36
CA SER A 86 23.28 -1.92 7.56
C SER A 86 22.99 -0.47 7.89
N ALA A 87 23.41 -0.04 9.08
CA ALA A 87 23.14 1.31 9.55
C ALA A 87 23.75 2.37 8.63
N GLU A 88 24.93 2.09 8.09
CA GLU A 88 25.66 3.05 7.27
C GLU A 88 24.99 3.33 5.92
N LEU A 89 24.06 2.46 5.53
CA LEU A 89 23.35 2.64 4.26
C LEU A 89 22.06 3.42 4.45
N ILE A 90 21.76 3.78 5.70
CA ILE A 90 20.55 4.52 6.02
C ILE A 90 20.89 5.97 6.37
N PRO A 91 20.21 6.92 5.70
CA PRO A 91 20.36 8.34 6.03
C PRO A 91 20.26 8.59 7.53
N ALA A 92 21.27 9.23 8.10
CA ALA A 92 21.40 9.36 9.55
C ALA A 92 20.19 10.03 10.20
N SER A 93 19.53 10.90 9.46
CA SER A 93 18.36 11.60 9.98
C SER A 93 17.13 10.69 10.05
N GLU A 94 17.19 9.56 9.35
CA GLU A 94 16.05 8.66 9.28
C GLU A 94 16.31 7.32 9.96
N LEU A 95 17.46 7.18 10.59
CA LEU A 95 17.83 5.91 11.20
C LEU A 95 17.00 5.63 12.45
N VAL A 96 17.01 6.55 13.41
CA VAL A 96 16.28 6.35 14.66
C VAL A 96 14.85 6.87 14.53
N SER A 97 14.09 6.25 13.63
CA SER A 97 12.72 6.67 13.36
C SER A 97 11.84 5.47 13.07
N VAL A 98 10.55 5.71 12.84
CA VAL A 98 9.67 4.64 12.42
C VAL A 98 9.91 4.35 10.95
N THR A 99 9.75 3.08 10.57
CA THR A 99 9.86 2.71 9.17
C THR A 99 9.08 1.44 8.91
N VAL A 100 9.27 0.87 7.72
CA VAL A 100 8.52 -0.30 7.28
C VAL A 100 9.46 -1.43 6.87
N ILE A 101 9.11 -2.65 7.23
CA ILE A 101 9.75 -3.82 6.66
C ILE A 101 8.72 -4.62 5.86
N LEU A 102 9.17 -5.20 4.75
CA LEU A 102 8.29 -5.97 3.89
C LEU A 102 8.76 -7.42 3.77
N LEU A 103 7.93 -8.33 4.25
CA LEU A 103 8.16 -9.75 4.07
C LEU A 103 7.27 -10.25 2.95
N SER A 104 7.89 -10.67 1.85
CA SER A 104 7.13 -11.12 0.70
C SER A 104 7.47 -12.56 0.34
N CYS A 105 6.56 -13.22 -0.36
CA CYS A 105 6.81 -14.54 -0.89
C CYS A 105 6.43 -14.59 -2.36
N SER A 106 7.28 -15.20 -3.17
CA SER A 106 7.01 -15.31 -4.59
C SER A 106 7.14 -16.75 -5.06
N TYR A 107 6.52 -17.05 -6.20
CA TYR A 107 6.60 -18.36 -6.79
C TYR A 107 7.07 -18.23 -8.23
N ASP A 108 8.23 -18.82 -8.53
CA ASP A 108 8.83 -18.74 -9.85
C ASP A 108 8.96 -17.27 -10.30
N GLY A 109 9.34 -16.41 -9.36
CA GLY A 109 9.56 -15.01 -9.66
C GLY A 109 8.29 -14.17 -9.63
N ARG A 110 7.17 -14.79 -9.30
CA ARG A 110 5.89 -14.09 -9.25
C ARG A 110 5.40 -13.93 -7.82
N GLU A 111 5.36 -12.69 -7.35
CA GLU A 111 4.99 -12.38 -5.98
C GLU A 111 3.49 -12.52 -5.76
N PHE A 112 3.10 -13.31 -4.76
CA PHE A 112 1.68 -13.54 -4.52
C PHE A 112 1.23 -13.04 -3.14
N VAL A 113 2.17 -12.76 -2.26
CA VAL A 113 1.81 -12.19 -0.96
C VAL A 113 2.91 -11.26 -0.44
N ARG A 114 2.49 -10.15 0.16
CA ARG A 114 3.41 -9.18 0.71
C ARG A 114 2.94 -8.74 2.10
N VAL A 115 3.76 -9.00 3.11
CA VAL A 115 3.43 -8.67 4.49
C VAL A 115 4.20 -7.45 4.98
N GLY A 116 3.48 -6.39 5.30
CA GLY A 116 4.10 -5.17 5.80
C GLY A 116 3.96 -5.01 7.30
N TYR A 117 5.04 -4.55 7.94
CA TYR A 117 5.03 -4.25 9.38
C TYR A 117 5.57 -2.85 9.61
N TYR A 118 5.05 -2.17 10.64
CA TYR A 118 5.67 -0.94 11.11
C TYR A 118 6.78 -1.29 12.09
N VAL A 119 7.90 -0.59 12.00
CA VAL A 119 9.01 -0.80 12.92
C VAL A 119 9.51 0.52 13.45
N ASN A 120 9.46 0.69 14.77
CA ASN A 120 10.00 1.90 15.38
C ASN A 120 11.40 1.63 15.93
N ASN A 121 12.26 2.64 15.80
CA ASN A 121 13.60 2.56 16.37
C ASN A 121 13.80 3.64 17.41
N GLU A 122 14.37 3.27 18.55
CA GLU A 122 14.42 4.14 19.71
C GLU A 122 15.62 3.81 20.58
N TYR A 123 16.24 4.83 21.17
CA TYR A 123 17.37 4.61 22.07
C TYR A 123 16.91 3.93 23.36
N ASP A 124 17.80 3.13 23.95
CA ASP A 124 17.46 2.36 25.16
C ASP A 124 17.72 3.13 26.44
N GLU A 125 18.10 4.40 26.31
CA GLU A 125 18.37 5.26 27.46
C GLU A 125 17.60 6.58 27.34
N GLU A 126 16.99 6.98 28.45
CA GLU A 126 16.20 8.20 28.50
C GLU A 126 16.98 9.42 28.04
N GLU A 127 18.24 9.51 28.45
CA GLU A 127 19.10 10.63 28.12
C GLU A 127 19.30 10.75 26.61
N LEU A 128 19.53 9.62 25.96
CA LEU A 128 19.77 9.60 24.52
C LEU A 128 18.49 9.90 23.75
N ARG A 129 17.35 9.46 24.28
CA ARG A 129 16.07 9.73 23.63
C ARG A 129 15.74 11.22 23.65
N GLU A 130 16.06 11.89 24.75
CA GLU A 130 15.80 13.32 24.86
C GLU A 130 16.82 14.12 24.06
N ASN A 131 18.05 13.66 24.06
CA ASN A 131 19.12 14.33 23.33
C ASN A 131 19.91 13.37 22.46
N PRO A 132 19.43 13.13 21.23
CA PRO A 132 20.14 12.27 20.27
C PRO A 132 21.54 12.78 19.96
N PRO A 133 22.55 11.91 20.11
CA PRO A 133 23.93 12.25 19.77
C PRO A 133 24.07 12.67 18.32
N ALA A 134 25.08 13.48 18.01
CA ALA A 134 25.34 13.92 16.64
C ALA A 134 25.60 12.70 15.75
N LYS A 135 26.39 11.76 16.28
CA LYS A 135 26.63 10.49 15.61
C LYS A 135 25.73 9.42 16.23
N VAL A 136 24.99 8.72 15.38
CA VAL A 136 24.07 7.69 15.84
C VAL A 136 24.79 6.55 16.54
N GLN A 137 24.41 6.28 17.78
CA GLN A 137 24.98 5.18 18.54
C GLN A 137 24.14 3.92 18.34
N VAL A 138 24.48 3.16 17.31
CA VAL A 138 23.69 2.00 16.89
C VAL A 138 23.50 0.99 18.00
N ASP A 139 24.53 0.80 18.83
CA ASP A 139 24.48 -0.23 19.87
C ASP A 139 23.47 0.10 20.97
N HIS A 140 22.92 1.31 20.95
CA HIS A 140 21.90 1.70 21.92
C HIS A 140 20.51 1.79 21.29
N ILE A 141 20.40 1.39 20.03
CA ILE A 141 19.11 1.42 19.33
C ILE A 141 18.34 0.12 19.52
N VAL A 142 17.08 0.25 19.94
CA VAL A 142 16.18 -0.89 20.07
C VAL A 142 15.07 -0.75 19.03
N ARG A 143 14.78 -1.83 18.30
CA ARG A 143 13.70 -1.80 17.32
C ARG A 143 12.47 -2.49 17.89
N ASN A 144 11.30 -1.98 17.53
CA ASN A 144 10.04 -2.57 17.95
C ASN A 144 9.14 -2.80 16.74
N ILE A 145 8.93 -4.05 16.39
CA ILE A 145 8.05 -4.41 15.29
C ILE A 145 6.61 -4.54 15.76
N LEU A 146 5.70 -3.85 15.09
CA LEU A 146 4.27 -3.96 15.40
C LEU A 146 3.71 -5.24 14.80
N ALA A 147 4.05 -6.36 15.43
CA ALA A 147 3.81 -7.69 14.88
C ALA A 147 2.33 -8.12 14.97
N GLU A 148 1.54 -7.41 15.76
CA GLU A 148 0.13 -7.75 15.90
C GLU A 148 -0.73 -7.07 14.84
N LYS A 149 -0.15 -6.11 14.12
CA LYS A 149 -0.90 -5.40 13.08
C LYS A 149 -0.25 -5.49 11.70
N PRO A 150 -0.08 -6.70 11.16
CA PRO A 150 0.53 -6.76 9.83
C PRO A 150 -0.46 -6.38 8.73
N ARG A 151 0.04 -5.76 7.67
CA ARG A 151 -0.77 -5.52 6.48
C ARG A 151 -0.42 -6.59 5.45
N VAL A 152 -1.37 -7.50 5.22
CA VAL A 152 -1.16 -8.60 4.29
C VAL A 152 -1.84 -8.30 2.96
N THR A 153 -1.04 -8.15 1.91
CA THR A 153 -1.56 -7.89 0.58
C THR A 153 -1.37 -9.10 -0.32
N ARG A 154 -2.49 -9.68 -0.75
CA ARG A 154 -2.45 -10.83 -1.64
C ARG A 154 -2.54 -10.42 -3.10
N PHE A 155 -1.77 -11.11 -3.95
CA PHE A 155 -1.85 -10.91 -5.39
C PHE A 155 -2.18 -12.23 -6.07
N ASN A 156 -2.80 -12.15 -7.25
CA ASN A 156 -3.11 -13.34 -8.03
C ASN A 156 -2.06 -13.64 -9.07
N ILE A 157 -1.46 -14.83 -8.99
CA ILE A 157 -0.43 -15.23 -9.93
C ILE A 157 -0.79 -16.55 -10.60
N VAL A 158 -0.08 -16.85 -11.68
CA VAL A 158 -0.16 -18.17 -12.30
C VAL A 158 0.84 -19.09 -11.58
N TRP A 159 0.39 -20.29 -11.25
CA TRP A 159 1.26 -21.24 -10.54
C TRP A 159 1.81 -22.29 -11.49
N ASP A 160 1.24 -23.49 -11.47
CA ASP A 160 1.65 -24.56 -12.39
C ASP A 160 0.51 -24.94 -13.32
N ALA B 2 -20.66 10.33 -1.51
CA ALA B 2 -19.27 10.67 -1.77
C ALA B 2 -18.77 11.71 -0.78
N LEU B 3 -17.46 11.68 -0.50
CA LEU B 3 -16.86 12.62 0.43
C LEU B 3 -16.16 13.76 -0.32
N ILE B 4 -15.99 13.57 -1.61
CA ILE B 4 -15.41 14.59 -2.48
C ILE B 4 -16.48 15.10 -3.45
N ARG B 5 -16.52 16.40 -3.70
CA ARG B 5 -17.40 16.95 -4.70
C ARG B 5 -17.09 16.31 -6.06
N LYS B 6 -18.12 15.92 -6.78
CA LYS B 6 -17.94 15.11 -7.98
C LYS B 6 -17.38 15.90 -9.17
N LEU B 7 -17.79 17.16 -9.30
CA LEU B 7 -17.34 17.98 -10.41
C LEU B 7 -15.83 18.25 -10.38
N PRO B 8 -15.26 18.60 -9.20
CA PRO B 8 -13.80 18.73 -9.19
C PRO B 8 -13.08 17.40 -9.45
N PHE B 9 -13.68 16.29 -9.04
CA PHE B 9 -13.06 14.99 -9.27
C PHE B 9 -13.14 14.62 -10.74
N GLN B 10 -14.23 15.01 -11.39
CA GLN B 10 -14.42 14.79 -12.81
C GLN B 10 -13.33 15.49 -13.63
N ARG B 11 -13.04 16.75 -13.27
CA ARG B 11 -12.01 17.52 -13.96
C ARG B 11 -10.64 16.87 -13.79
N LEU B 12 -10.37 16.34 -12.60
CA LEU B 12 -9.11 15.66 -12.33
C LEU B 12 -8.97 14.40 -13.18
N VAL B 13 -10.06 13.63 -13.27
CA VAL B 13 -10.08 12.42 -14.06
C VAL B 13 -9.88 12.75 -15.54
N ARG B 14 -10.57 13.78 -16.01
CA ARG B 14 -10.47 14.21 -17.41
C ARG B 14 -9.04 14.61 -17.77
N GLU B 15 -8.40 15.34 -16.86
CA GLU B 15 -7.03 15.79 -17.09
C GLU B 15 -6.05 14.61 -17.20
N ILE B 16 -6.10 13.71 -16.23
CA ILE B 16 -5.21 12.56 -16.20
C ILE B 16 -5.45 11.62 -17.38
N ALA B 17 -6.72 11.42 -17.73
CA ALA B 17 -7.08 10.54 -18.83
C ALA B 17 -6.60 11.09 -20.17
N GLN B 18 -6.79 12.39 -20.37
CA GLN B 18 -6.42 13.03 -21.64
C GLN B 18 -4.91 13.22 -21.75
N ASP B 19 -4.22 13.26 -20.60
CA ASP B 19 -2.77 13.34 -20.61
C ASP B 19 -2.16 11.99 -20.98
N PHE B 20 -2.92 10.92 -20.76
CA PHE B 20 -2.51 9.60 -21.23
C PHE B 20 -2.77 9.52 -22.73
N LYS B 21 -4.04 9.46 -23.10
CA LYS B 21 -4.46 9.50 -24.49
C LYS B 21 -5.62 10.47 -24.65
N THR B 22 -5.39 11.57 -25.36
CA THR B 22 -6.42 12.60 -25.59
C THR B 22 -7.65 12.03 -26.27
N ASP B 23 -7.46 11.01 -27.08
CA ASP B 23 -8.55 10.33 -27.75
C ASP B 23 -9.16 9.27 -26.83
N LEU B 24 -9.88 9.73 -25.80
CA LEU B 24 -10.42 8.82 -24.80
C LEU B 24 -11.59 9.44 -24.04
N ARG B 25 -12.66 8.66 -23.89
CA ARG B 25 -13.84 9.11 -23.17
C ARG B 25 -14.20 8.18 -22.03
N PHE B 26 -15.04 8.66 -21.11
CA PHE B 26 -15.44 7.90 -19.93
C PHE B 26 -16.96 7.90 -19.77
N GLN B 27 -17.50 6.79 -19.28
CA GLN B 27 -18.89 6.78 -18.82
C GLN B 27 -18.96 7.48 -17.47
N SER B 28 -20.13 8.02 -17.13
CA SER B 28 -20.28 8.69 -15.84
C SER B 28 -20.10 7.70 -14.69
N ALA B 29 -20.58 6.47 -14.89
CA ALA B 29 -20.44 5.43 -13.88
C ALA B 29 -19.00 4.95 -13.76
N ALA B 30 -18.21 5.17 -14.81
CA ALA B 30 -16.79 4.84 -14.78
C ALA B 30 -16.05 5.82 -13.88
N ILE B 31 -16.39 7.09 -13.99
CA ILE B 31 -15.82 8.11 -13.12
C ILE B 31 -16.25 7.84 -11.67
N GLY B 32 -17.51 7.48 -11.51
CA GLY B 32 -18.06 7.12 -10.20
C GLY B 32 -17.33 5.95 -9.57
N ALA B 33 -17.02 4.94 -10.38
CA ALA B 33 -16.28 3.78 -9.90
C ALA B 33 -14.89 4.18 -9.42
N LEU B 34 -14.25 5.05 -10.19
CA LEU B 34 -12.93 5.58 -9.86
C LEU B 34 -12.95 6.43 -8.59
N GLN B 35 -14.00 7.22 -8.42
CA GLN B 35 -14.10 8.08 -7.25
C GLN B 35 -14.33 7.29 -5.97
N GLU B 36 -15.24 6.32 -6.02
CA GLU B 36 -15.49 5.47 -4.88
C GLU B 36 -14.22 4.71 -4.48
N ALA B 37 -13.47 4.24 -5.48
CA ALA B 37 -12.23 3.53 -5.22
C ALA B 37 -11.16 4.47 -4.68
N SER B 38 -11.10 5.67 -5.24
CA SER B 38 -10.13 6.67 -4.79
C SER B 38 -10.39 7.08 -3.34
N GLU B 39 -11.66 7.29 -3.01
CA GLU B 39 -12.01 7.72 -1.66
C GLU B 39 -11.75 6.60 -0.65
N ALA B 40 -12.11 5.38 -1.02
CA ALA B 40 -11.85 4.22 -0.17
C ALA B 40 -10.35 4.03 0.04
N TYR B 41 -9.59 4.20 -1.04
CA TYR B 41 -8.14 4.06 -0.99
C TYR B 41 -7.50 5.10 -0.06
N LEU B 42 -7.99 6.34 -0.11
CA LEU B 42 -7.43 7.40 0.72
C LEU B 42 -7.78 7.23 2.19
N VAL B 43 -9.01 6.78 2.46
CA VAL B 43 -9.44 6.53 3.84
C VAL B 43 -8.58 5.43 4.48
N ALA B 44 -8.41 4.32 3.76
CA ALA B 44 -7.58 3.21 4.22
C ALA B 44 -6.14 3.65 4.42
N LEU B 45 -5.67 4.52 3.53
CA LEU B 45 -4.32 5.06 3.63
C LEU B 45 -4.15 5.85 4.91
N PHE B 46 -5.14 6.69 5.24
CA PHE B 46 -5.04 7.52 6.43
C PHE B 46 -5.09 6.68 7.69
N GLU B 47 -5.83 5.58 7.66
CA GLU B 47 -5.87 4.64 8.77
C GLU B 47 -4.49 4.08 9.10
N ASP B 48 -3.76 3.67 8.07
CA ASP B 48 -2.42 3.14 8.24
C ASP B 48 -1.44 4.25 8.53
N THR B 49 -1.73 5.45 8.02
CA THR B 49 -0.92 6.63 8.31
C THR B 49 -1.00 6.92 9.81
N ASN B 50 -2.23 6.84 10.35
CA ASN B 50 -2.46 7.04 11.77
C ASN B 50 -1.69 6.00 12.60
N LEU B 51 -1.78 4.75 12.18
CA LEU B 51 -1.15 3.65 12.90
C LEU B 51 0.37 3.81 12.92
N CYS B 52 0.92 4.35 11.84
CA CYS B 52 2.36 4.60 11.73
C CYS B 52 2.82 5.62 12.77
N ALA B 53 2.15 6.77 12.82
CA ALA B 53 2.49 7.81 13.77
C ALA B 53 2.40 7.31 15.21
N ILE B 54 1.36 6.51 15.48
CA ILE B 54 1.14 5.97 16.81
C ILE B 54 2.28 5.03 17.23
N HIS B 55 2.72 4.18 16.30
CA HIS B 55 3.83 3.27 16.59
C HIS B 55 5.13 4.04 16.73
N ALA B 56 5.17 5.23 16.13
CA ALA B 56 6.32 6.13 16.24
C ALA B 56 6.28 6.91 17.54
N LYS B 57 5.26 6.66 18.36
CA LYS B 57 5.01 7.40 19.59
C LYS B 57 4.87 8.89 19.30
N ARG B 58 4.13 9.22 18.24
CA ARG B 58 3.79 10.60 17.91
C ARG B 58 2.27 10.77 17.90
N VAL B 59 1.82 12.02 17.98
CA VAL B 59 0.38 12.30 18.03
C VAL B 59 -0.11 12.95 16.73
N THR B 60 0.82 13.55 15.98
CA THR B 60 0.47 14.22 14.74
C THR B 60 1.12 13.50 13.55
N ILE B 61 0.34 13.25 12.51
CA ILE B 61 0.89 12.57 11.33
C ILE B 61 1.76 13.53 10.53
N MET B 62 2.74 12.96 9.84
CA MET B 62 3.70 13.71 9.06
C MET B 62 3.68 13.20 7.62
N PRO B 63 4.29 13.96 6.69
CA PRO B 63 4.40 13.46 5.32
C PRO B 63 5.04 12.08 5.23
N LYS B 64 5.97 11.78 6.13
CA LYS B 64 6.66 10.49 6.09
C LYS B 64 5.71 9.34 6.46
N ASP B 65 4.72 9.62 7.30
CA ASP B 65 3.78 8.59 7.71
C ASP B 65 2.93 8.16 6.52
N ILE B 66 2.56 9.12 5.68
CA ILE B 66 1.79 8.84 4.48
C ILE B 66 2.58 7.97 3.52
N GLN B 67 3.83 8.34 3.28
CA GLN B 67 4.69 7.60 2.36
C GLN B 67 4.96 6.18 2.86
N LEU B 68 5.14 6.03 4.17
CA LEU B 68 5.35 4.71 4.75
C LEU B 68 4.08 3.87 4.67
N ALA B 69 2.93 4.53 4.79
CA ALA B 69 1.65 3.83 4.69
C ALA B 69 1.46 3.26 3.29
N ARG B 70 1.98 3.95 2.28
CA ARG B 70 1.94 3.44 0.91
C ARG B 70 2.77 2.17 0.80
N ARG B 71 3.98 2.20 1.34
CA ARG B 71 4.88 1.05 1.30
C ARG B 71 4.27 -0.17 1.99
N ILE B 72 3.63 0.06 3.14
CA ILE B 72 3.14 -1.06 3.94
C ILE B 72 1.90 -1.72 3.34
N ARG B 73 1.21 -1.02 2.43
CA ARG B 73 0.01 -1.58 1.81
C ARG B 73 0.34 -2.30 0.52
N GLY B 74 1.63 -2.49 0.27
CA GLY B 74 2.09 -3.27 -0.87
C GLY B 74 1.84 -2.64 -2.23
N GLU B 75 1.98 -1.32 -2.30
CA GLU B 75 1.81 -0.62 -3.58
C GLU B 75 2.98 -0.88 -4.51
N VAL C 3 -8.28 24.59 -22.36
CA VAL C 3 -8.24 23.54 -21.35
C VAL C 3 -7.53 24.02 -20.08
N LEU C 4 -7.97 23.51 -18.95
CA LEU C 4 -7.40 23.91 -17.66
C LEU C 4 -6.47 22.83 -17.12
N ARG C 5 -5.43 23.25 -16.41
CA ARG C 5 -4.45 22.32 -15.85
C ARG C 5 -4.41 22.39 -14.32
N ASP C 6 -3.64 21.49 -13.71
CA ASP C 6 -3.53 21.40 -12.26
C ASP C 6 -4.88 21.25 -11.57
N ASN C 7 -5.66 20.27 -12.03
CA ASN C 7 -6.95 19.98 -11.44
C ASN C 7 -6.82 19.19 -10.14
N ILE C 8 -5.58 18.79 -9.83
CA ILE C 8 -5.30 18.13 -8.56
C ILE C 8 -5.49 19.14 -7.43
N GLN C 9 -5.36 20.42 -7.76
CA GLN C 9 -5.60 21.50 -6.81
C GLN C 9 -7.09 21.66 -6.54
N GLY C 10 -7.92 21.06 -7.40
CA GLY C 10 -9.35 21.08 -7.23
C GLY C 10 -9.79 20.25 -6.04
N ILE C 11 -8.98 19.26 -5.68
CA ILE C 11 -9.22 18.49 -4.47
C ILE C 11 -8.88 19.37 -3.27
N THR C 12 -9.90 19.76 -2.53
CA THR C 12 -9.77 20.82 -1.53
C THR C 12 -9.22 20.35 -0.20
N LYS C 13 -8.73 21.30 0.59
CA LYS C 13 -8.25 21.02 1.94
C LYS C 13 -9.33 20.39 2.83
N PRO C 14 -10.55 20.95 2.85
CA PRO C 14 -11.54 20.31 3.72
C PRO C 14 -11.95 18.90 3.25
N ALA C 15 -11.85 18.64 1.95
CA ALA C 15 -12.11 17.31 1.44
C ALA C 15 -11.04 16.34 1.94
N ILE C 16 -9.80 16.79 1.95
CA ILE C 16 -8.70 15.97 2.45
C ILE C 16 -8.85 15.72 3.95
N ARG C 17 -9.24 16.76 4.70
CA ARG C 17 -9.48 16.60 6.13
C ARG C 17 -10.64 15.67 6.41
N ARG C 18 -11.67 15.78 5.58
CA ARG C 18 -12.86 14.92 5.63
C ARG C 18 -12.48 13.45 5.52
N LEU C 19 -11.68 13.13 4.51
CA LEU C 19 -11.24 11.76 4.30
C LEU C 19 -10.36 11.28 5.43
N ALA C 20 -9.46 12.15 5.89
CA ALA C 20 -8.55 11.80 6.99
C ALA C 20 -9.33 11.47 8.27
N ARG C 21 -10.34 12.28 8.58
CA ARG C 21 -11.15 12.05 9.76
C ARG C 21 -11.86 10.69 9.69
N ARG C 22 -12.33 10.34 8.51
N ARG C 22 -12.33 10.34 8.50
CA ARG C 22 -13.00 9.06 8.28
CA ARG C 22 -12.99 9.06 8.29
C ARG C 22 -12.02 7.91 8.54
C ARG C 22 -12.01 7.91 8.53
N GLY C 23 -10.73 8.19 8.41
CA GLY C 23 -9.69 7.22 8.65
C GLY C 23 -9.19 7.28 10.09
N GLY C 24 -9.80 8.16 10.88
CA GLY C 24 -9.47 8.27 12.29
C GLY C 24 -8.40 9.31 12.60
N VAL C 25 -8.02 10.10 11.60
CA VAL C 25 -7.04 11.14 11.79
C VAL C 25 -7.71 12.50 12.04
N LYS C 26 -7.55 13.02 13.25
CA LYS C 26 -8.24 14.26 13.65
C LYS C 26 -7.51 15.53 13.21
N ARG C 27 -6.19 15.53 13.35
CA ARG C 27 -5.38 16.72 13.04
C ARG C 27 -4.40 16.46 11.92
N ILE C 28 -4.39 17.33 10.91
CA ILE C 28 -3.36 17.27 9.88
C ILE C 28 -2.73 18.64 9.64
N SER C 29 -1.42 18.64 9.45
CA SER C 29 -0.68 19.88 9.21
C SER C 29 -0.78 20.27 7.73
N GLY C 30 -0.33 21.48 7.41
CA GLY C 30 -0.41 21.98 6.05
C GLY C 30 0.37 21.14 5.04
N LEU C 31 1.39 20.42 5.50
CA LEU C 31 2.22 19.62 4.62
C LEU C 31 1.47 18.40 4.08
N ILE C 32 0.47 17.95 4.82
CA ILE C 32 -0.30 16.76 4.47
C ILE C 32 -1.09 16.93 3.17
N TYR C 33 -1.52 18.16 2.91
CA TYR C 33 -2.40 18.43 1.76
C TYR C 33 -1.75 18.08 0.42
N GLU C 34 -0.61 18.68 0.13
CA GLU C 34 0.09 18.41 -1.12
C GLU C 34 0.56 16.98 -1.20
N GLU C 35 0.94 16.41 -0.06
CA GLU C 35 1.35 15.02 0.02
C GLU C 35 0.21 14.09 -0.41
N THR C 36 -0.98 14.34 0.12
CA THR C 36 -2.16 13.54 -0.20
C THR C 36 -2.54 13.68 -1.67
N ARG C 37 -2.43 14.89 -2.19
CA ARG C 37 -2.71 15.15 -3.59
C ARG C 37 -1.78 14.35 -4.51
N GLY C 38 -0.51 14.29 -4.13
CA GLY C 38 0.47 13.54 -4.90
C GLY C 38 0.14 12.07 -4.96
N VAL C 39 -0.20 11.50 -3.81
CA VAL C 39 -0.59 10.09 -3.72
C VAL C 39 -1.85 9.82 -4.53
N LEU C 40 -2.83 10.70 -4.43
CA LEU C 40 -4.10 10.54 -5.14
C LEU C 40 -3.90 10.52 -6.66
N LYS C 41 -3.03 11.41 -7.14
CA LYS C 41 -2.76 11.49 -8.57
C LYS C 41 -2.09 10.20 -9.08
N VAL C 42 -1.15 9.69 -8.30
CA VAL C 42 -0.43 8.46 -8.66
C VAL C 42 -1.39 7.28 -8.75
N PHE C 43 -2.26 7.14 -7.75
CA PHE C 43 -3.26 6.08 -7.72
C PHE C 43 -4.16 6.16 -8.95
N LEU C 44 -4.65 7.36 -9.24
CA LEU C 44 -5.54 7.56 -10.37
C LEU C 44 -4.85 7.24 -11.69
N GLU C 45 -3.61 7.68 -11.82
CA GLU C 45 -2.82 7.39 -13.01
C GLU C 45 -2.67 5.88 -13.20
N ASN C 46 -2.25 5.18 -12.15
CA ASN C 46 -2.03 3.74 -12.23
C ASN C 46 -3.29 2.96 -12.62
N VAL C 47 -4.42 3.32 -12.01
CA VAL C 47 -5.66 2.61 -12.28
C VAL C 47 -6.20 2.92 -13.68
N ILE C 48 -6.11 4.17 -14.09
CA ILE C 48 -6.58 4.57 -15.41
C ILE C 48 -5.76 3.90 -16.51
N ARG C 49 -4.46 3.76 -16.30
CA ARG C 49 -3.59 3.01 -17.22
C ARG C 49 -4.13 1.60 -17.42
N ASP C 50 -4.31 0.88 -16.32
CA ASP C 50 -4.81 -0.49 -16.36
C ASP C 50 -6.22 -0.56 -16.92
N ALA C 51 -7.00 0.49 -16.67
CA ALA C 51 -8.37 0.53 -17.15
C ALA C 51 -8.41 0.62 -18.67
N VAL C 52 -7.55 1.47 -19.22
CA VAL C 52 -7.48 1.67 -20.67
C VAL C 52 -7.05 0.39 -21.39
N THR C 53 -6.14 -0.36 -20.75
CA THR C 53 -5.66 -1.63 -21.30
C THR C 53 -6.82 -2.58 -21.57
N TYR C 54 -7.76 -2.65 -20.63
CA TYR C 54 -8.95 -3.47 -20.82
C TYR C 54 -9.88 -2.87 -21.87
N THR C 55 -9.79 -1.56 -22.05
CA THR C 55 -10.66 -0.86 -23.01
C THR C 55 -10.17 -1.05 -24.44
N GLU C 56 -8.88 -0.81 -24.66
CA GLU C 56 -8.29 -0.93 -25.99
C GLU C 56 -8.29 -2.39 -26.46
N HIS C 57 -8.20 -3.31 -25.51
CA HIS C 57 -8.23 -4.73 -25.82
C HIS C 57 -9.60 -5.12 -26.38
N ALA C 58 -10.63 -4.38 -25.99
CA ALA C 58 -11.99 -4.64 -26.46
C ALA C 58 -12.35 -3.73 -27.64
N LYS C 59 -11.32 -3.18 -28.28
CA LYS C 59 -11.47 -2.32 -29.46
C LYS C 59 -12.46 -1.17 -29.24
N ARG C 60 -12.44 -0.59 -28.04
CA ARG C 60 -13.33 0.52 -27.71
C ARG C 60 -12.53 1.78 -27.40
N LYS C 61 -13.23 2.92 -27.34
CA LYS C 61 -12.59 4.19 -27.04
C LYS C 61 -13.19 4.83 -25.79
N THR C 62 -14.26 4.23 -25.29
CA THR C 62 -14.93 4.72 -24.07
C THR C 62 -14.72 3.76 -22.90
N VAL C 63 -13.97 4.22 -21.90
CA VAL C 63 -13.73 3.44 -20.70
C VAL C 63 -15.03 3.29 -19.90
N THR C 64 -15.38 2.04 -19.58
CA THR C 64 -16.61 1.78 -18.85
C THR C 64 -16.33 1.46 -17.39
N ALA C 65 -17.40 1.34 -16.60
CA ALA C 65 -17.29 1.04 -15.18
C ALA C 65 -16.63 -0.31 -14.95
N MET C 66 -16.92 -1.26 -15.81
CA MET C 66 -16.37 -2.59 -15.69
C MET C 66 -14.89 -2.61 -16.05
N ASP C 67 -14.49 -1.72 -16.96
CA ASP C 67 -13.08 -1.54 -17.28
C ASP C 67 -12.32 -1.10 -16.03
N VAL C 68 -12.94 -0.23 -15.24
CA VAL C 68 -12.34 0.25 -14.01
C VAL C 68 -12.25 -0.87 -12.98
N VAL C 69 -13.34 -1.63 -12.85
CA VAL C 69 -13.40 -2.74 -11.89
C VAL C 69 -12.30 -3.76 -12.16
N TYR C 70 -12.13 -4.13 -13.42
CA TYR C 70 -11.10 -5.09 -13.80
C TYR C 70 -9.71 -4.55 -13.44
N ALA C 71 -9.51 -3.26 -13.66
CA ALA C 71 -8.25 -2.62 -13.30
C ALA C 71 -8.04 -2.63 -11.79
N LEU C 72 -9.13 -2.48 -11.05
CA LEU C 72 -9.07 -2.48 -9.59
C LEU C 72 -8.70 -3.85 -9.03
N LYS C 73 -9.09 -4.90 -9.74
CA LYS C 73 -8.81 -6.27 -9.32
C LYS C 73 -7.33 -6.64 -9.45
N ARG C 74 -6.51 -5.66 -9.82
CA ARG C 74 -5.09 -5.90 -10.00
C ARG C 74 -4.22 -5.20 -8.95
N GLN C 75 -4.82 -4.40 -8.07
CA GLN C 75 -4.06 -3.66 -7.07
C GLN C 75 -3.68 -4.65 -5.96
N GLY C 76 -4.44 -5.73 -5.88
CA GLY C 76 -4.24 -6.74 -4.86
C GLY C 76 -4.98 -6.40 -3.59
N ARG C 77 -5.36 -7.43 -2.83
CA ARG C 77 -6.23 -7.24 -1.68
C ARG C 77 -5.44 -7.12 -0.38
N THR C 78 -5.57 -5.97 0.27
CA THR C 78 -4.88 -5.74 1.53
C THR C 78 -5.80 -6.00 2.71
N LEU C 79 -5.47 -7.00 3.50
CA LEU C 79 -6.25 -7.31 4.70
C LEU C 79 -5.43 -7.10 5.96
N TYR C 80 -6.12 -7.01 7.10
CA TYR C 80 -5.45 -6.88 8.38
C TYR C 80 -5.44 -8.24 9.06
N GLY C 81 -4.25 -8.85 9.17
CA GLY C 81 -4.13 -10.16 9.77
C GLY C 81 -4.06 -11.26 8.72
N PHE C 82 -3.77 -12.48 9.17
CA PHE C 82 -3.59 -13.60 8.27
C PHE C 82 -4.84 -14.45 8.11
N GLY C 83 -4.96 -15.10 6.95
CA GLY C 83 -6.02 -16.06 6.70
C GLY C 83 -7.42 -15.48 6.61
N GLY C 84 -7.52 -14.16 6.58
CA GLY C 84 -8.81 -13.50 6.50
C GLY C 84 -9.48 -13.74 5.16
N ILE D 2 -25.64 -2.88 -3.47
CA ILE D 2 -26.36 -2.86 -4.74
C ILE D 2 -26.96 -1.48 -5.02
N GLN D 3 -27.32 -0.77 -3.95
CA GLN D 3 -27.91 0.56 -4.09
C GLN D 3 -26.85 1.57 -4.53
N ASP D 4 -25.62 1.37 -4.07
CA ASP D 4 -24.52 2.24 -4.47
C ASP D 4 -24.19 2.03 -5.95
N LEU D 5 -24.34 0.80 -6.42
CA LEU D 5 -24.10 0.48 -7.81
C LEU D 5 -25.09 1.19 -8.73
N ILE D 6 -26.33 1.30 -8.26
CA ILE D 6 -27.38 1.96 -9.02
C ILE D 6 -27.17 3.47 -9.11
N ASP D 7 -26.67 4.06 -8.04
CA ASP D 7 -26.48 5.52 -7.98
C ASP D 7 -25.09 5.96 -8.39
N MET D 8 -24.26 5.00 -8.79
CA MET D 8 -22.83 5.24 -9.03
C MET D 8 -22.55 6.29 -10.11
N GLY D 9 -23.36 6.31 -11.17
CA GLY D 9 -23.14 7.22 -12.28
C GLY D 9 -23.74 8.60 -12.13
N TYR D 10 -24.61 8.77 -11.14
CA TYR D 10 -25.31 10.04 -10.93
C TYR D 10 -24.39 11.11 -10.34
N GLY D 11 -24.66 12.37 -10.70
CA GLY D 11 -24.02 13.50 -10.04
C GLY D 11 -22.90 14.20 -10.80
N TYR D 12 -22.62 13.76 -12.01
CA TYR D 12 -21.53 14.34 -12.79
C TYR D 12 -22.05 15.25 -13.91
N ASP D 13 -21.18 16.10 -14.43
CA ASP D 13 -21.54 17.01 -15.51
C ASP D 13 -21.48 16.28 -16.86
N GLU D 14 -22.65 15.86 -17.34
CA GLU D 14 -22.73 15.09 -18.59
C GLU D 14 -22.64 16.00 -19.81
N SER D 15 -22.61 17.31 -19.58
CA SER D 15 -22.40 18.28 -20.64
C SER D 15 -20.97 18.18 -21.18
N ASP D 16 -20.06 17.68 -20.34
CA ASP D 16 -18.67 17.49 -20.71
C ASP D 16 -18.57 16.51 -21.88
N SER D 17 -17.79 16.88 -22.90
CA SER D 17 -17.57 16.01 -24.05
C SER D 17 -16.71 14.81 -23.66
N PHE D 18 -16.06 14.91 -22.50
CA PHE D 18 -15.26 13.83 -21.97
C PHE D 18 -16.13 12.64 -21.59
N ILE D 19 -17.38 12.92 -21.24
CA ILE D 19 -18.31 11.87 -20.83
C ILE D 19 -19.14 11.33 -22.00
N ASP D 20 -19.11 10.02 -22.18
CA ASP D 20 -19.87 9.34 -23.22
C ASP D 20 -20.80 8.28 -22.62
N ASN D 21 -22.06 8.64 -22.44
CA ASN D 21 -23.03 7.71 -21.88
C ASN D 21 -23.96 7.11 -22.94
N SER D 22 -23.42 6.91 -24.13
CA SER D 22 -24.18 6.34 -25.24
C SER D 22 -24.36 4.83 -25.05
#